data_4O2C
#
_entry.id   4O2C
#
_cell.length_a   50.845
_cell.length_b   81.459
_cell.length_c   110.958
_cell.angle_alpha   90.00
_cell.angle_beta   90.00
_cell.angle_gamma   90.00
#
_symmetry.space_group_name_H-M   'P 21 21 21'
#
loop_
_entity.id
_entity.type
_entity.pdbx_description
1 polymer 'HLA class I histocompatibility antigen, B-39 alpha chain'
2 polymer Beta-2-microglobulin
3 polymer 'Peptide from ATP-dependent RNA helicase DDX3X'
4 water water
#
loop_
_entity_poly.entity_id
_entity_poly.type
_entity_poly.pdbx_seq_one_letter_code
_entity_poly.pdbx_strand_id
1 'polypeptide(L)'
;GSHSMRYFYTSVSRPGRGEPRFISVGYVDDTQFVRFDSDAASPREEPRAPWIEQEGPEYWDRNTQICKTNTQTDRESLRN
LRGYYNQSEAGSHTLQRMYGCDVGPDGRLLRGHNQFAYDGKDYIALNEDLSSWTAADTAAQITQRKWEAARVAEQLRTYL
EGTCVEWLRRYLENGKETLQRADPPKTHVTHHPISDHEATLRCWALGFYPAEITLTWQRDGEDQTQDTELVETRPAGDRT
FQKWAAVVVPSGEEQRYTCHVQHEGLPKPLTLRW
;
A
2 'polypeptide(L)'
;IQRTPKIQVYSRHPAENGKSNFLNCYVSGFHPSDIEVDLLKNGERIEKVEHSDLSFSKDWSFYLLYYTEFTPTEKDEYAC
RVNHVTLSQPKIVKWDRDM
;
B
3 'polypeptide(L)' (ACE)SHVAVENAL C
#
loop_
_chem_comp.id
_chem_comp.type
_chem_comp.name
_chem_comp.formula
ACE non-polymer 'ACETYL GROUP' 'C2 H4 O'
#
# COMPACT_ATOMS: atom_id res chain seq x y z
N GLY A 1 -5.70 20.25 -0.73
CA GLY A 1 -5.51 20.02 0.69
C GLY A 1 -4.07 19.68 1.02
N SER A 2 -3.90 18.76 1.97
CA SER A 2 -2.56 18.35 2.40
C SER A 2 -2.00 17.25 1.49
N HIS A 3 -0.68 17.14 1.46
CA HIS A 3 -0.04 16.15 0.61
C HIS A 3 1.16 15.52 1.30
N SER A 4 1.56 14.36 0.82
CA SER A 4 2.69 13.66 1.40
C SER A 4 3.57 13.06 0.31
N MET A 5 4.86 12.97 0.60
CA MET A 5 5.76 12.16 -0.20
C MET A 5 6.36 11.09 0.71
N ARG A 6 6.46 9.87 0.20
CA ARG A 6 6.99 8.77 0.98
C ARG A 6 7.86 7.88 0.13
N TYR A 7 8.99 7.46 0.69
CA TYR A 7 9.75 6.36 0.14
C TYR A 7 9.59 5.13 1.03
N PHE A 8 9.41 3.98 0.41
CA PHE A 8 9.27 2.72 1.12
C PHE A 8 10.37 1.78 0.66
N TYR A 9 11.28 1.45 1.56
CA TYR A 9 12.37 0.52 1.28
C TYR A 9 12.11 -0.83 1.94
N THR A 10 12.34 -1.90 1.18
CA THR A 10 12.24 -3.25 1.72
C THR A 10 13.49 -4.04 1.33
N SER A 11 14.18 -4.58 2.32
CA SER A 11 15.29 -5.50 2.06
C SER A 11 15.01 -6.84 2.72
N VAL A 12 15.20 -7.92 1.97
CA VAL A 12 14.94 -9.25 2.47
C VAL A 12 16.13 -10.15 2.23
N SER A 13 16.70 -10.70 3.30
CA SER A 13 17.81 -11.62 3.16
C SER A 13 17.30 -12.99 2.72
N ARG A 14 18.17 -13.77 2.09
CA ARG A 14 17.80 -15.07 1.55
C ARG A 14 19.03 -15.96 1.52
N PRO A 15 19.46 -16.44 2.69
CA PRO A 15 20.67 -17.27 2.80
C PRO A 15 20.67 -18.41 1.81
N GLY A 16 21.76 -18.55 1.05
CA GLY A 16 21.89 -19.62 0.08
C GLY A 16 21.38 -19.22 -1.29
N ARG A 17 20.74 -18.06 -1.40
CA ARG A 17 20.19 -17.59 -2.67
C ARG A 17 20.64 -16.17 -3.01
N GLY A 18 21.91 -15.88 -2.74
CA GLY A 18 22.47 -14.58 -3.07
C GLY A 18 22.35 -13.58 -1.93
N GLU A 19 22.66 -12.32 -2.24
CA GLU A 19 22.59 -11.25 -1.25
C GLU A 19 21.16 -10.73 -1.10
N PRO A 20 20.90 -10.02 0.00
CA PRO A 20 19.53 -9.51 0.24
C PRO A 20 19.03 -8.60 -0.87
N ARG A 21 17.80 -8.85 -1.30
CA ARG A 21 17.16 -8.05 -2.34
C ARG A 21 16.69 -6.72 -1.76
N PHE A 22 16.97 -5.63 -2.47
CA PHE A 22 16.52 -4.30 -2.06
C PHE A 22 15.50 -3.76 -3.05
N ILE A 23 14.33 -3.40 -2.54
CA ILE A 23 13.30 -2.77 -3.35
C ILE A 23 12.93 -1.41 -2.78
N SER A 24 12.79 -0.42 -3.65
CA SER A 24 12.38 0.91 -3.25
C SER A 24 11.25 1.38 -4.12
N VAL A 25 10.20 1.93 -3.50
CA VAL A 25 9.15 2.59 -4.25
C VAL A 25 8.88 3.96 -3.64
N GLY A 26 8.53 4.91 -4.49
CA GLY A 26 8.24 6.27 -4.05
C GLY A 26 6.80 6.64 -4.36
N TYR A 27 6.15 7.31 -3.41
CA TYR A 27 4.77 7.73 -3.57
C TYR A 27 4.60 9.23 -3.31
N VAL A 28 3.71 9.85 -4.07
CA VAL A 28 3.13 11.12 -3.67
C VAL A 28 1.67 10.84 -3.39
N ASP A 29 1.24 11.06 -2.15
CA ASP A 29 -0.09 10.66 -1.73
C ASP A 29 -0.32 9.19 -2.08
N ASP A 30 -1.36 8.89 -2.84
CA ASP A 30 -1.66 7.51 -3.19
C ASP A 30 -1.21 7.14 -4.61
N THR A 31 -0.26 7.90 -5.13
CA THR A 31 0.24 7.68 -6.48
C THR A 31 1.71 7.29 -6.49
N GLN A 32 2.02 6.07 -6.93
CA GLN A 32 3.41 5.66 -7.04
C GLN A 32 4.05 6.37 -8.21
N PHE A 33 5.29 6.84 -8.04
CA PHE A 33 5.96 7.55 -9.14
C PHE A 33 7.34 7.00 -9.52
N VAL A 34 7.97 6.24 -8.62
CA VAL A 34 9.25 5.60 -8.95
C VAL A 34 9.38 4.21 -8.33
N ARG A 35 10.31 3.43 -8.89
CA ARG A 35 10.63 2.13 -8.33
C ARG A 35 12.08 1.76 -8.61
N PHE A 36 12.65 0.96 -7.72
CA PHE A 36 13.99 0.43 -7.90
C PHE A 36 14.01 -0.99 -7.37
N ASP A 37 14.70 -1.88 -8.07
CA ASP A 37 14.78 -3.28 -7.68
C ASP A 37 16.19 -3.79 -7.93
N SER A 38 16.88 -4.19 -6.86
CA SER A 38 18.26 -4.64 -6.98
C SER A 38 18.39 -5.96 -7.77
N ASP A 39 17.27 -6.66 -7.94
CA ASP A 39 17.26 -7.91 -8.70
C ASP A 39 17.08 -7.70 -10.20
N ALA A 40 16.73 -6.48 -10.60
CA ALA A 40 16.50 -6.19 -12.02
C ALA A 40 17.75 -6.48 -12.84
N ALA A 41 17.57 -6.88 -14.09
CA ALA A 41 18.69 -7.16 -14.98
C ALA A 41 19.67 -6.00 -14.97
N SER A 42 19.13 -4.79 -15.05
CA SER A 42 19.93 -3.57 -14.98
C SER A 42 19.29 -2.61 -13.99
N PRO A 43 19.62 -2.76 -12.69
CA PRO A 43 18.98 -1.95 -11.65
C PRO A 43 19.07 -0.45 -11.92
N ARG A 44 17.90 0.19 -12.03
CA ARG A 44 17.82 1.62 -12.26
C ARG A 44 16.57 2.15 -11.58
N GLU A 45 16.64 3.39 -11.11
CA GLU A 45 15.42 4.08 -10.68
C GLU A 45 14.57 4.29 -11.93
N GLU A 46 13.33 3.83 -11.88
CA GLU A 46 12.45 3.88 -13.05
C GLU A 46 11.16 4.65 -12.78
N PRO A 47 10.66 5.37 -13.79
CA PRO A 47 9.43 6.14 -13.66
C PRO A 47 8.20 5.23 -13.61
N ARG A 48 7.24 5.59 -12.77
CA ARG A 48 6.00 4.82 -12.64
C ARG A 48 4.79 5.74 -12.77
N ALA A 49 5.04 7.02 -12.98
CA ALA A 49 4.00 8.00 -13.23
C ALA A 49 4.41 8.91 -14.38
N PRO A 50 3.43 9.34 -15.20
CA PRO A 50 3.73 10.16 -16.39
C PRO A 50 4.48 11.45 -16.07
N TRP A 51 4.12 12.12 -14.98
CA TRP A 51 4.67 13.44 -14.67
C TRP A 51 6.13 13.45 -14.18
N ILE A 52 6.67 12.27 -13.86
CA ILE A 52 8.06 12.19 -13.41
C ILE A 52 9.01 11.98 -14.58
N GLU A 53 8.45 11.59 -15.73
CA GLU A 53 9.25 11.26 -16.91
C GLU A 53 10.08 12.44 -17.41
N GLN A 54 9.59 13.65 -17.17
CA GLN A 54 10.25 14.85 -17.67
C GLN A 54 11.57 15.16 -16.95
N GLU A 55 11.78 14.55 -15.79
CA GLU A 55 13.05 14.74 -15.08
C GLU A 55 14.21 14.30 -15.95
N GLY A 56 15.31 15.05 -15.91
CA GLY A 56 16.44 14.80 -16.78
C GLY A 56 17.31 13.63 -16.34
N PRO A 57 18.31 13.29 -17.18
CA PRO A 57 19.23 12.17 -16.92
C PRO A 57 19.94 12.30 -15.58
N GLU A 58 20.25 13.52 -15.16
CA GLU A 58 20.91 13.75 -13.88
C GLU A 58 20.06 13.22 -12.73
N TYR A 59 18.76 13.46 -12.81
CA TYR A 59 17.82 12.99 -11.80
C TYR A 59 17.88 11.47 -11.69
N TRP A 60 17.77 10.79 -12.82
CA TRP A 60 17.72 9.34 -12.84
C TRP A 60 19.05 8.70 -12.46
N ASP A 61 20.14 9.33 -12.88
CA ASP A 61 21.47 8.84 -12.53
C ASP A 61 21.75 9.00 -11.04
N ARG A 62 21.43 10.17 -10.50
CA ARG A 62 21.66 10.46 -9.09
C ARG A 62 20.86 9.54 -8.18
N ASN A 63 19.56 9.40 -8.49
CA ASN A 63 18.70 8.56 -7.68
C ASN A 63 19.04 7.07 -7.79
N THR A 64 19.46 6.64 -8.97
CA THR A 64 19.92 5.27 -9.14
C THR A 64 21.15 5.01 -8.27
N GLN A 65 22.07 5.97 -8.27
CA GLN A 65 23.28 5.87 -7.46
C GLN A 65 22.94 5.75 -5.97
N ILE A 66 22.00 6.56 -5.52
CA ILE A 66 21.57 6.53 -4.13
C ILE A 66 20.95 5.17 -3.78
N CYS A 67 20.13 4.65 -4.68
CA CYS A 67 19.50 3.34 -4.46
C CYS A 67 20.53 2.21 -4.41
N LYS A 68 21.55 2.29 -5.25
CA LYS A 68 22.61 1.28 -5.23
C LYS A 68 23.38 1.33 -3.92
N THR A 69 23.66 2.54 -3.44
CA THR A 69 24.34 2.70 -2.15
C THR A 69 23.47 2.14 -1.03
N ASN A 70 22.17 2.48 -1.05
CA ASN A 70 21.23 1.98 -0.07
C ASN A 70 21.12 0.46 -0.06
N THR A 71 21.25 -0.15 -1.24
CA THR A 71 21.23 -1.61 -1.34
C THR A 71 22.35 -2.18 -0.48
N GLN A 72 23.53 -1.58 -0.60
CA GLN A 72 24.70 -2.03 0.14
C GLN A 72 24.58 -1.74 1.64
N THR A 73 24.05 -0.57 1.98
CA THR A 73 23.89 -0.19 3.38
C THR A 73 22.89 -1.08 4.11
N ASP A 74 21.79 -1.41 3.43
CA ASP A 74 20.79 -2.30 4.00
C ASP A 74 21.37 -3.69 4.28
N ARG A 75 22.27 -4.15 3.42
CA ARG A 75 22.89 -5.45 3.64
C ARG A 75 23.81 -5.41 4.87
N GLU A 76 24.50 -4.29 5.05
CA GLU A 76 25.28 -4.08 6.25
C GLU A 76 24.37 -4.07 7.47
N SER A 77 23.27 -3.34 7.37
CA SER A 77 22.30 -3.25 8.46
C SER A 77 21.74 -4.63 8.84
N LEU A 78 21.38 -5.42 7.84
CA LEU A 78 20.85 -6.75 8.09
C LEU A 78 21.85 -7.63 8.81
N ARG A 79 23.13 -7.53 8.44
CA ARG A 79 24.19 -8.27 9.14
C ARG A 79 24.27 -7.83 10.60
N ASN A 80 24.19 -6.53 10.83
CA ASN A 80 24.25 -5.98 12.18
C ASN A 80 23.05 -6.42 13.02
N LEU A 81 21.86 -6.37 12.42
CA LEU A 81 20.63 -6.73 13.10
C LEU A 81 20.63 -8.19 13.52
N ARG A 82 21.13 -9.05 12.64
CA ARG A 82 21.25 -10.47 12.95
C ARG A 82 22.05 -10.65 14.22
N GLY A 83 23.13 -9.91 14.34
CA GLY A 83 23.99 -9.96 15.52
C GLY A 83 23.32 -9.40 16.77
N TYR A 84 22.61 -8.29 16.62
CA TYR A 84 21.93 -7.66 17.75
C TYR A 84 20.94 -8.60 18.40
N TYR A 85 20.39 -9.52 17.62
CA TYR A 85 19.38 -10.45 18.14
C TYR A 85 19.90 -11.88 18.28
N ASN A 86 21.21 -12.07 18.15
CA ASN A 86 21.80 -13.38 18.33
C ASN A 86 21.18 -14.42 17.41
N GLN A 87 20.90 -14.01 16.17
CA GLN A 87 20.25 -14.89 15.20
C GLN A 87 21.27 -15.59 14.31
N SER A 88 20.92 -16.78 13.82
CA SER A 88 21.83 -17.54 12.97
C SER A 88 21.85 -16.98 11.55
N GLU A 89 22.88 -17.34 10.79
CA GLU A 89 23.01 -16.90 9.41
C GLU A 89 22.06 -17.65 8.48
N ALA A 90 21.35 -18.62 9.01
CA ALA A 90 20.53 -19.52 8.19
C ALA A 90 19.14 -18.98 7.87
N GLY A 91 18.65 -18.06 8.68
CA GLY A 91 17.30 -17.56 8.52
C GLY A 91 17.16 -16.35 7.61
N SER A 92 15.98 -16.16 7.05
CA SER A 92 15.66 -15.00 6.24
C SER A 92 15.03 -13.91 7.11
N HIS A 93 15.44 -12.66 6.90
CA HIS A 93 14.93 -11.55 7.69
C HIS A 93 14.60 -10.34 6.82
N THR A 94 13.74 -9.48 7.34
CA THR A 94 13.26 -8.32 6.58
C THR A 94 13.59 -7.01 7.29
N LEU A 95 14.10 -6.05 6.53
CA LEU A 95 14.29 -4.70 7.03
C LEU A 95 13.48 -3.73 6.18
N GLN A 96 12.60 -2.97 6.83
CA GLN A 96 11.78 -1.99 6.13
C GLN A 96 12.05 -0.59 6.64
N ARG A 97 11.95 0.38 5.75
CA ARG A 97 12.08 1.78 6.09
C ARG A 97 11.02 2.59 5.38
N MET A 98 10.38 3.51 6.10
CA MET A 98 9.59 4.54 5.43
C MET A 98 10.01 5.91 5.93
N TYR A 99 10.14 6.85 5.01
CA TYR A 99 10.49 8.21 5.36
C TYR A 99 9.88 9.18 4.35
N GLY A 100 9.80 10.44 4.74
CA GLY A 100 9.23 11.45 3.85
C GLY A 100 8.64 12.61 4.61
N CYS A 101 7.86 13.43 3.91
CA CYS A 101 7.35 14.66 4.49
C CYS A 101 5.88 14.86 4.17
N ASP A 102 5.20 15.61 5.03
CA ASP A 102 3.82 16.01 4.79
C ASP A 102 3.81 17.53 4.68
N VAL A 103 3.03 18.06 3.74
CA VAL A 103 2.89 19.50 3.60
C VAL A 103 1.42 19.91 3.58
N GLY A 104 1.15 21.12 4.07
CA GLY A 104 -0.20 21.64 4.07
C GLY A 104 -0.54 22.26 2.73
N PRO A 105 -1.75 22.82 2.61
CA PRO A 105 -2.21 23.45 1.37
C PRO A 105 -1.27 24.54 0.87
N ASP A 106 -0.53 25.16 1.79
CA ASP A 106 0.40 26.23 1.43
C ASP A 106 1.82 25.71 1.15
N GLY A 107 1.95 24.39 1.09
CA GLY A 107 3.23 23.78 0.79
C GLY A 107 4.20 23.79 1.96
N ARG A 108 3.71 24.23 3.12
CA ARG A 108 4.55 24.31 4.31
C ARG A 108 4.69 22.94 4.96
N LEU A 109 5.88 22.63 5.45
CA LEU A 109 6.12 21.36 6.14
C LEU A 109 5.19 21.20 7.33
N LEU A 110 4.43 20.11 7.34
CA LEU A 110 3.57 19.79 8.47
C LEU A 110 4.30 18.86 9.42
N ARG A 111 5.00 17.88 8.85
CA ARG A 111 5.58 16.81 9.63
C ARG A 111 6.59 16.04 8.80
N GLY A 112 7.66 15.56 9.44
CA GLY A 112 8.62 14.68 8.80
C GLY A 112 8.56 13.28 9.38
N HIS A 113 9.01 12.30 8.61
CA HIS A 113 8.96 10.89 9.00
C HIS A 113 10.24 10.16 8.66
N ASN A 114 10.68 9.27 9.54
CA ASN A 114 11.81 8.39 9.26
C ASN A 114 11.83 7.24 10.24
N GLN A 115 11.30 6.09 9.84
CA GLN A 115 11.23 4.95 10.76
C GLN A 115 11.52 3.61 10.11
N PHE A 116 11.84 2.64 10.96
CA PHE A 116 12.30 1.33 10.51
C PHE A 116 11.59 0.21 11.24
N ALA A 117 11.44 -0.92 10.56
CA ALA A 117 10.92 -2.13 11.19
C ALA A 117 11.81 -3.31 10.82
N TYR A 118 11.98 -4.22 11.78
CA TYR A 118 12.75 -5.44 11.55
C TYR A 118 11.83 -6.64 11.76
N ASP A 119 11.78 -7.51 10.75
CA ASP A 119 10.86 -8.64 10.75
C ASP A 119 9.43 -8.24 11.12
N GLY A 120 9.00 -7.09 10.61
CA GLY A 120 7.63 -6.64 10.77
C GLY A 120 7.33 -5.90 12.05
N LYS A 121 8.34 -5.77 12.92
CA LYS A 121 8.15 -5.10 14.19
C LYS A 121 8.88 -3.77 14.22
N ASP A 122 8.22 -2.73 14.73
CA ASP A 122 8.84 -1.42 14.86
C ASP A 122 10.18 -1.55 15.58
N TYR A 123 11.20 -0.91 15.04
CA TYR A 123 12.56 -1.04 15.54
C TYR A 123 13.08 0.28 16.09
N ILE A 124 13.16 1.29 15.22
CA ILE A 124 13.57 2.63 15.65
C ILE A 124 12.85 3.68 14.79
N ALA A 125 12.56 4.83 15.39
CA ALA A 125 11.88 5.90 14.66
C ALA A 125 12.42 7.26 15.05
N LEU A 126 12.56 8.13 14.06
CA LEU A 126 12.87 9.53 14.33
C LEU A 126 11.61 10.19 14.89
N ASN A 127 11.74 10.86 16.02
CA ASN A 127 10.60 11.52 16.64
C ASN A 127 10.16 12.73 15.83
N GLU A 128 8.96 13.23 16.12
CA GLU A 128 8.38 14.32 15.35
C GLU A 128 9.25 15.58 15.45
N ASP A 129 10.03 15.68 16.51
CA ASP A 129 10.92 16.83 16.69
C ASP A 129 12.06 16.83 15.69
N LEU A 130 12.23 15.71 14.99
CA LEU A 130 13.30 15.52 14.02
C LEU A 130 14.68 15.70 14.65
N SER A 131 14.79 15.39 15.94
CA SER A 131 16.04 15.59 16.66
C SER A 131 16.35 14.47 17.64
N SER A 132 15.37 13.65 17.95
CA SER A 132 15.57 12.54 18.88
C SER A 132 14.97 11.25 18.35
N TRP A 133 15.37 10.12 18.93
CA TRP A 133 14.94 8.81 18.47
C TRP A 133 14.12 8.05 19.51
N THR A 134 13.22 7.20 19.04
CA THR A 134 12.54 6.24 19.89
C THR A 134 12.94 4.82 19.49
N ALA A 135 13.63 4.12 20.39
CA ALA A 135 14.09 2.77 20.14
C ALA A 135 13.18 1.74 20.83
N ALA A 136 12.83 0.69 20.10
CA ALA A 136 11.86 -0.28 20.59
C ALA A 136 12.42 -1.22 21.66
N ASP A 137 13.71 -1.52 21.59
CA ASP A 137 14.33 -2.50 22.47
C ASP A 137 15.83 -2.23 22.62
N THR A 138 16.51 -3.11 23.37
CA THR A 138 17.93 -2.92 23.65
C THR A 138 18.80 -2.99 22.39
N ALA A 139 18.33 -3.73 21.39
CA ALA A 139 19.03 -3.79 20.11
C ALA A 139 18.98 -2.43 19.42
N ALA A 140 17.78 -1.86 19.33
CA ALA A 140 17.60 -0.56 18.70
C ALA A 140 18.34 0.55 19.47
N GLN A 141 18.58 0.32 20.75
CA GLN A 141 19.34 1.29 21.54
C GLN A 141 20.78 1.38 21.06
N ILE A 142 21.30 0.25 20.58
CA ILE A 142 22.64 0.23 20.00
C ILE A 142 22.67 1.11 18.77
N THR A 143 21.68 0.93 17.90
CA THR A 143 21.54 1.75 16.71
C THR A 143 21.41 3.22 17.10
N GLN A 144 20.56 3.50 18.09
CA GLN A 144 20.35 4.87 18.54
C GLN A 144 21.65 5.54 18.97
N ARG A 145 22.45 4.83 19.77
CA ARG A 145 23.73 5.35 20.22
C ARG A 145 24.65 5.69 19.05
N LYS A 146 24.74 4.77 18.08
CA LYS A 146 25.52 5.01 16.87
C LYS A 146 25.07 6.25 16.13
N TRP A 147 23.76 6.39 15.96
CA TRP A 147 23.22 7.49 15.17
C TRP A 147 23.30 8.82 15.90
N GLU A 148 23.23 8.78 17.23
CA GLU A 148 23.41 9.99 18.03
C GLU A 148 24.85 10.47 17.92
N ALA A 149 25.79 9.55 18.00
CA ALA A 149 27.21 9.89 17.86
C ALA A 149 27.52 10.46 16.49
N ALA A 150 26.83 9.97 15.47
CA ALA A 150 27.06 10.42 14.09
C ALA A 150 26.14 11.60 13.72
N ARG A 151 25.32 12.03 14.67
CA ARG A 151 24.38 13.12 14.44
C ARG A 151 23.55 12.89 13.17
N VAL A 152 22.97 11.70 13.07
CA VAL A 152 22.14 11.35 11.92
C VAL A 152 20.86 12.18 11.89
N ALA A 153 20.28 12.41 13.06
CA ALA A 153 19.02 13.16 13.14
C ALA A 153 19.12 14.54 12.50
N GLU A 154 20.23 15.24 12.77
CA GLU A 154 20.42 16.57 12.18
C GLU A 154 20.48 16.53 10.66
N GLN A 155 21.12 15.50 10.12
CA GLN A 155 21.21 15.34 8.68
C GLN A 155 19.82 15.04 8.11
N LEU A 156 19.06 14.21 8.80
CA LEU A 156 17.70 13.90 8.38
C LEU A 156 16.81 15.15 8.44
N ARG A 157 16.96 15.93 9.51
CA ARG A 157 16.18 17.15 9.63
C ARG A 157 16.39 18.06 8.44
N THR A 158 17.65 18.23 8.05
CA THR A 158 17.98 19.08 6.91
C THR A 158 17.31 18.59 5.63
N TYR A 159 17.36 17.28 5.41
CA TYR A 159 16.71 16.69 4.24
C TYR A 159 15.19 16.89 4.28
N LEU A 160 14.58 16.58 5.43
CA LEU A 160 13.13 16.61 5.53
C LEU A 160 12.54 18.01 5.43
N GLU A 161 13.25 19.00 5.97
CA GLU A 161 12.77 20.38 5.94
C GLU A 161 13.12 21.10 4.65
N GLY A 162 14.11 20.57 3.94
CA GLY A 162 14.56 21.19 2.70
C GLY A 162 14.26 20.35 1.48
N THR A 163 15.20 19.50 1.10
CA THR A 163 15.09 18.68 -0.10
C THR A 163 13.72 18.00 -0.26
N CYS A 164 13.27 17.33 0.79
CA CYS A 164 12.03 16.56 0.72
C CYS A 164 10.84 17.43 0.29
N VAL A 165 10.64 18.54 0.99
CA VAL A 165 9.49 19.40 0.72
C VAL A 165 9.63 20.10 -0.64
N GLU A 166 10.86 20.38 -1.04
CA GLU A 166 11.11 21.03 -2.32
C GLU A 166 10.73 20.12 -3.49
N TRP A 167 11.12 18.85 -3.40
CA TRP A 167 10.75 17.89 -4.44
C TRP A 167 9.24 17.64 -4.45
N LEU A 168 8.64 17.51 -3.27
CA LEU A 168 7.20 17.28 -3.19
C LEU A 168 6.44 18.43 -3.87
N ARG A 169 6.84 19.66 -3.58
CA ARG A 169 6.22 20.83 -4.20
C ARG A 169 6.37 20.79 -5.72
N ARG A 170 7.56 20.43 -6.19
CA ARG A 170 7.80 20.31 -7.62
C ARG A 170 6.91 19.24 -8.25
N TYR A 171 6.86 18.07 -7.60
CA TYR A 171 6.02 16.99 -8.10
C TYR A 171 4.56 17.39 -8.17
N LEU A 172 4.09 18.06 -7.12
CA LEU A 172 2.70 18.50 -7.04
C LEU A 172 2.34 19.44 -8.19
N GLU A 173 3.28 20.31 -8.56
CA GLU A 173 3.04 21.22 -9.67
C GLU A 173 3.08 20.49 -11.01
N ASN A 174 4.12 19.69 -11.23
CA ASN A 174 4.29 18.96 -12.48
C ASN A 174 3.15 17.96 -12.74
N GLY A 175 2.60 17.40 -11.67
CA GLY A 175 1.52 16.45 -11.80
C GLY A 175 0.19 16.97 -11.28
N LYS A 176 0.02 18.28 -11.32
CA LYS A 176 -1.16 18.91 -10.71
C LYS A 176 -2.49 18.43 -11.29
N GLU A 177 -2.51 18.07 -12.56
CA GLU A 177 -3.74 17.62 -13.21
C GLU A 177 -4.30 16.32 -12.60
N THR A 178 -3.44 15.55 -11.94
CA THR A 178 -3.85 14.30 -11.32
C THR A 178 -3.67 14.33 -9.81
N LEU A 179 -2.47 14.72 -9.37
CA LEU A 179 -2.14 14.75 -7.95
C LEU A 179 -3.03 15.70 -7.16
N GLN A 180 -3.43 16.81 -7.79
CA GLN A 180 -4.29 17.78 -7.12
C GLN A 180 -5.72 17.72 -7.65
N ARG A 181 -6.11 16.54 -8.13
CA ARG A 181 -7.48 16.32 -8.57
C ARG A 181 -8.10 15.19 -7.75
N ALA A 182 -9.13 15.52 -6.98
CA ALA A 182 -9.87 14.50 -6.24
C ALA A 182 -11.01 14.01 -7.12
N ASP A 183 -11.09 12.69 -7.29
CA ASP A 183 -12.19 12.08 -8.02
C ASP A 183 -13.18 11.49 -7.04
N PRO A 184 -14.41 12.01 -7.05
CA PRO A 184 -15.43 11.58 -6.07
C PRO A 184 -15.88 10.15 -6.32
N PRO A 185 -16.34 9.47 -5.26
CA PRO A 185 -16.86 8.11 -5.41
C PRO A 185 -18.16 8.08 -6.20
N LYS A 186 -18.30 7.08 -7.05
CA LYS A 186 -19.57 6.76 -7.67
C LYS A 186 -20.25 5.78 -6.73
N THR A 187 -21.43 6.15 -6.24
CA THR A 187 -22.05 5.39 -5.16
C THR A 187 -23.40 4.78 -5.53
N HIS A 188 -23.66 3.58 -5.02
CA HIS A 188 -24.97 2.96 -5.15
C HIS A 188 -25.16 1.87 -4.10
N VAL A 189 -26.40 1.45 -3.90
CA VAL A 189 -26.71 0.40 -2.94
C VAL A 189 -27.28 -0.82 -3.65
N THR A 190 -26.78 -2.00 -3.31
CA THR A 190 -27.30 -3.25 -3.85
C THR A 190 -27.98 -4.06 -2.76
N HIS A 191 -28.89 -4.95 -3.17
CA HIS A 191 -29.72 -5.70 -2.25
C HIS A 191 -29.58 -7.20 -2.54
N HIS A 192 -29.23 -7.97 -1.52
CA HIS A 192 -28.97 -9.39 -1.70
C HIS A 192 -29.72 -10.24 -0.68
N PRO A 193 -30.89 -10.77 -1.06
CA PRO A 193 -31.65 -11.65 -0.17
C PRO A 193 -30.82 -12.82 0.34
N ILE A 194 -30.89 -13.08 1.65
CA ILE A 194 -30.20 -14.19 2.27
C ILE A 194 -31.19 -15.33 2.52
N SER A 195 -32.37 -14.95 2.99
CA SER A 195 -33.43 -15.90 3.29
C SER A 195 -34.77 -15.17 3.27
N ASP A 196 -35.83 -15.84 3.70
CA ASP A 196 -37.13 -15.19 3.80
C ASP A 196 -37.11 -14.08 4.84
N HIS A 197 -36.13 -14.17 5.75
CA HIS A 197 -36.14 -13.37 6.96
C HIS A 197 -35.22 -12.16 6.89
N GLU A 198 -34.19 -12.23 6.06
CA GLU A 198 -33.24 -11.12 5.98
C GLU A 198 -32.52 -11.02 4.65
N ALA A 199 -31.85 -9.90 4.45
CA ALA A 199 -31.13 -9.63 3.21
C ALA A 199 -29.95 -8.72 3.50
N THR A 200 -28.98 -8.70 2.59
CA THR A 200 -27.81 -7.85 2.72
C THR A 200 -27.98 -6.57 1.91
N LEU A 201 -27.75 -5.44 2.56
CA LEU A 201 -27.63 -4.17 1.85
C LEU A 201 -26.16 -3.83 1.76
N ARG A 202 -25.67 -3.64 0.54
CA ARG A 202 -24.25 -3.34 0.34
C ARG A 202 -24.09 -1.97 -0.29
N CYS A 203 -23.39 -1.08 0.41
CA CYS A 203 -23.15 0.26 -0.09
C CYS A 203 -21.80 0.32 -0.81
N TRP A 204 -21.83 0.76 -2.07
CA TRP A 204 -20.65 0.77 -2.91
C TRP A 204 -20.06 2.16 -3.13
N ALA A 205 -18.74 2.24 -3.11
CA ALA A 205 -18.02 3.45 -3.53
C ALA A 205 -16.96 3.04 -4.56
N LEU A 206 -17.06 3.60 -5.75
CA LEU A 206 -16.18 3.20 -6.85
C LEU A 206 -15.52 4.39 -7.54
N GLY A 207 -14.32 4.15 -8.07
CA GLY A 207 -13.64 5.11 -8.91
C GLY A 207 -13.17 6.37 -8.21
N PHE A 208 -12.88 6.28 -6.92
CA PHE A 208 -12.46 7.46 -6.17
C PHE A 208 -10.95 7.60 -5.96
N TYR A 209 -10.51 8.84 -5.82
CA TYR A 209 -9.13 9.16 -5.50
C TYR A 209 -9.12 10.51 -4.77
N PRO A 210 -8.34 10.61 -3.67
CA PRO A 210 -7.44 9.61 -3.11
C PRO A 210 -8.17 8.48 -2.37
N ALA A 211 -7.40 7.60 -1.74
CA ALA A 211 -7.96 6.38 -1.14
C ALA A 211 -8.80 6.64 0.10
N GLU A 212 -8.46 7.68 0.85
CA GLU A 212 -9.15 8.00 2.09
C GLU A 212 -10.64 8.20 1.86
N ILE A 213 -11.46 7.48 2.62
CA ILE A 213 -12.91 7.55 2.46
C ILE A 213 -13.58 6.99 3.70
N THR A 214 -14.81 7.42 3.96
CA THR A 214 -15.58 6.87 5.07
C THR A 214 -16.96 6.41 4.60
N LEU A 215 -17.22 5.11 4.79
CA LEU A 215 -18.53 4.54 4.51
C LEU A 215 -19.12 4.02 5.81
N THR A 216 -20.35 4.44 6.12
CA THR A 216 -21.01 3.99 7.32
C THR A 216 -22.48 3.70 7.08
N TRP A 217 -22.99 2.67 7.74
CA TRP A 217 -24.42 2.38 7.71
C TRP A 217 -25.07 2.87 8.99
N GLN A 218 -26.23 3.51 8.85
CA GLN A 218 -27.04 3.90 9.99
C GLN A 218 -28.38 3.18 9.96
N ARG A 219 -28.88 2.83 11.14
CA ARG A 219 -30.23 2.29 11.28
C ARG A 219 -31.01 3.21 12.22
N ASP A 220 -32.08 3.81 11.71
CA ASP A 220 -32.86 4.77 12.48
C ASP A 220 -31.98 5.93 12.92
N GLY A 221 -30.93 6.21 12.17
CA GLY A 221 -30.02 7.30 12.47
C GLY A 221 -28.88 6.94 13.40
N GLU A 222 -28.80 5.65 13.78
CA GLU A 222 -27.72 5.19 14.64
C GLU A 222 -26.66 4.39 13.88
N ASP A 223 -25.40 4.77 14.04
CA ASP A 223 -24.29 4.05 13.40
C ASP A 223 -24.29 2.58 13.78
N GLN A 224 -24.08 1.72 12.79
CA GLN A 224 -24.09 0.28 13.00
C GLN A 224 -22.67 -0.27 12.96
N THR A 225 -21.76 0.40 13.65
CA THR A 225 -20.35 0.05 13.61
C THR A 225 -20.09 -1.44 13.84
N GLN A 226 -20.69 -2.00 14.89
CA GLN A 226 -20.42 -3.37 15.28
C GLN A 226 -21.07 -4.39 14.35
N ASP A 227 -22.07 -3.96 13.59
CA ASP A 227 -22.82 -4.86 12.73
C ASP A 227 -22.52 -4.66 11.24
N THR A 228 -21.60 -3.75 10.94
CA THR A 228 -21.25 -3.47 9.55
C THR A 228 -19.99 -4.21 9.11
N GLU A 229 -20.08 -4.88 7.96
CA GLU A 229 -18.90 -5.48 7.35
C GLU A 229 -18.27 -4.48 6.39
N LEU A 230 -17.04 -4.09 6.68
CA LEU A 230 -16.32 -3.13 5.85
C LEU A 230 -15.10 -3.81 5.24
N VAL A 231 -15.03 -3.86 3.92
CA VAL A 231 -13.84 -4.41 3.27
C VAL A 231 -12.75 -3.34 3.18
N GLU A 232 -11.50 -3.79 3.15
CA GLU A 232 -10.38 -2.89 2.99
C GLU A 232 -10.48 -2.17 1.66
N THR A 233 -10.15 -0.88 1.66
CA THR A 233 -10.10 -0.10 0.44
C THR A 233 -9.12 -0.75 -0.53
N ARG A 234 -9.53 -0.91 -1.77
CA ARG A 234 -8.76 -1.68 -2.75
C ARG A 234 -8.57 -0.92 -4.06
N PRO A 235 -7.39 -1.08 -4.68
CA PRO A 235 -7.06 -0.40 -5.94
C PRO A 235 -7.79 -1.01 -7.12
N ALA A 236 -8.35 -0.17 -7.98
CA ALA A 236 -9.03 -0.66 -9.18
C ALA A 236 -8.01 -1.03 -10.25
N GLY A 237 -6.87 -0.36 -10.24
CA GLY A 237 -5.83 -0.59 -11.23
C GLY A 237 -5.68 0.56 -12.22
N ASP A 238 -6.54 1.55 -12.08
CA ASP A 238 -6.54 2.72 -12.97
C ASP A 238 -6.28 4.00 -12.18
N ARG A 239 -5.59 3.86 -11.05
CA ARG A 239 -5.31 4.95 -10.11
C ARG A 239 -6.38 5.10 -9.03
N THR A 240 -7.60 4.68 -9.33
CA THR A 240 -8.72 4.87 -8.39
C THR A 240 -8.88 3.70 -7.43
N PHE A 241 -9.79 3.86 -6.48
CA PHE A 241 -10.00 2.87 -5.43
C PHE A 241 -11.46 2.47 -5.32
N GLN A 242 -11.69 1.37 -4.61
CA GLN A 242 -13.03 0.83 -4.41
C GLN A 242 -13.21 0.43 -2.95
N LYS A 243 -14.44 0.45 -2.49
CA LYS A 243 -14.74 0.02 -1.14
C LYS A 243 -16.24 -0.25 -1.01
N TRP A 244 -16.60 -1.19 -0.14
CA TRP A 244 -18.01 -1.37 0.19
C TRP A 244 -18.25 -1.65 1.67
N ALA A 245 -19.46 -1.38 2.11
CA ALA A 245 -19.89 -1.65 3.48
C ALA A 245 -21.23 -2.35 3.42
N ALA A 246 -21.41 -3.38 4.23
CA ALA A 246 -22.63 -4.17 4.16
C ALA A 246 -23.24 -4.43 5.53
N VAL A 247 -24.56 -4.42 5.58
CA VAL A 247 -25.29 -4.77 6.79
C VAL A 247 -26.35 -5.81 6.46
N VAL A 248 -26.64 -6.68 7.41
CA VAL A 248 -27.70 -7.66 7.26
C VAL A 248 -28.96 -7.11 7.90
N VAL A 249 -30.02 -7.00 7.11
CA VAL A 249 -31.24 -6.34 7.58
C VAL A 249 -32.45 -7.27 7.52
N PRO A 250 -33.41 -7.06 8.44
CA PRO A 250 -34.66 -7.83 8.41
C PRO A 250 -35.47 -7.48 7.16
N SER A 251 -36.02 -8.49 6.50
CA SER A 251 -36.82 -8.25 5.30
C SER A 251 -37.92 -7.25 5.59
N GLY A 252 -38.05 -6.26 4.73
CA GLY A 252 -39.10 -5.26 4.88
C GLY A 252 -38.68 -4.04 5.68
N GLU A 253 -37.48 -4.06 6.25
CA GLU A 253 -37.01 -2.94 7.06
C GLU A 253 -35.92 -2.13 6.36
N GLU A 254 -35.74 -2.36 5.06
CA GLU A 254 -34.67 -1.72 4.31
C GLU A 254 -34.64 -0.20 4.40
N GLN A 255 -35.82 0.42 4.49
CA GLN A 255 -35.89 1.88 4.46
C GLN A 255 -35.48 2.56 5.76
N ARG A 256 -35.20 1.76 6.79
CA ARG A 256 -34.70 2.29 8.05
C ARG A 256 -33.19 2.44 8.01
N TYR A 257 -32.58 1.97 6.93
CA TYR A 257 -31.13 1.99 6.78
C TYR A 257 -30.68 3.03 5.78
N THR A 258 -29.63 3.78 6.14
CA THR A 258 -29.05 4.76 5.23
C THR A 258 -27.53 4.61 5.20
N CYS A 259 -26.96 4.74 4.01
CA CYS A 259 -25.51 4.70 3.86
C CYS A 259 -24.97 6.12 3.75
N HIS A 260 -23.87 6.38 4.44
CA HIS A 260 -23.28 7.71 4.47
C HIS A 260 -21.86 7.68 3.95
N VAL A 261 -21.57 8.58 3.01
CA VAL A 261 -20.29 8.59 2.33
C VAL A 261 -19.59 9.94 2.47
N GLN A 262 -18.35 9.91 2.95
CA GLN A 262 -17.55 11.11 3.03
C GLN A 262 -16.28 10.92 2.21
N HIS A 263 -15.97 11.90 1.37
CA HIS A 263 -14.74 11.88 0.57
C HIS A 263 -14.39 13.30 0.18
N GLU A 264 -13.10 13.61 0.12
CA GLU A 264 -12.68 14.99 -0.15
C GLU A 264 -13.09 15.46 -1.54
N GLY A 265 -13.47 14.51 -2.40
CA GLY A 265 -13.96 14.84 -3.73
C GLY A 265 -15.42 15.25 -3.71
N LEU A 266 -16.04 15.16 -2.54
CA LEU A 266 -17.46 15.51 -2.39
C LEU A 266 -17.61 16.83 -1.63
N PRO A 267 -18.40 17.76 -2.20
CA PRO A 267 -18.71 19.03 -1.52
C PRO A 267 -19.42 18.76 -0.20
N LYS A 268 -20.43 17.92 -0.23
CA LYS A 268 -21.16 17.51 0.96
C LYS A 268 -21.25 16.00 1.02
N PRO A 269 -21.23 15.43 2.24
CA PRO A 269 -21.37 13.98 2.41
C PRO A 269 -22.66 13.47 1.76
N LEU A 270 -22.62 12.27 1.22
CA LEU A 270 -23.78 11.68 0.57
C LEU A 270 -24.55 10.80 1.52
N THR A 271 -25.87 10.73 1.31
CA THR A 271 -26.72 9.79 2.02
C THR A 271 -27.46 8.93 1.00
N LEU A 272 -27.32 7.63 1.11
CA LEU A 272 -27.94 6.71 0.15
C LEU A 272 -28.90 5.74 0.83
N ARG A 273 -29.91 5.32 0.08
CA ARG A 273 -30.87 4.31 0.53
C ARG A 273 -31.08 3.28 -0.56
N TRP A 274 -31.57 2.11 -0.19
CA TRP A 274 -31.97 1.11 -1.17
C TRP A 274 -33.22 1.55 -1.91
N ILE B 1 7.41 -12.39 13.88
CA ILE B 1 5.96 -12.55 13.75
C ILE B 1 5.56 -12.69 12.29
N GLN B 2 4.54 -13.50 12.03
CA GLN B 2 4.04 -13.69 10.67
C GLN B 2 2.56 -13.34 10.57
N ARG B 3 2.18 -12.77 9.44
CA ARG B 3 0.80 -12.33 9.23
C ARG B 3 0.26 -12.90 7.93
N THR B 4 -0.92 -13.52 8.00
CA THR B 4 -1.49 -14.17 6.83
C THR B 4 -2.19 -13.15 5.94
N PRO B 5 -2.12 -13.35 4.61
CA PRO B 5 -2.68 -12.38 3.67
C PRO B 5 -4.20 -12.33 3.66
N LYS B 6 -4.73 -11.11 3.58
CA LYS B 6 -6.14 -10.91 3.24
C LYS B 6 -6.23 -10.96 1.72
N ILE B 7 -7.36 -11.46 1.21
CA ILE B 7 -7.49 -11.64 -0.22
C ILE B 7 -8.83 -11.13 -0.73
N GLN B 8 -8.78 -10.25 -1.73
CA GLN B 8 -9.99 -9.80 -2.41
C GLN B 8 -9.86 -10.04 -3.91
N VAL B 9 -10.89 -10.64 -4.50
CA VAL B 9 -10.91 -10.87 -5.94
C VAL B 9 -12.08 -10.09 -6.53
N TYR B 10 -11.82 -9.31 -7.57
CA TYR B 10 -12.81 -8.38 -8.09
C TYR B 10 -12.39 -7.85 -9.47
N SER B 11 -13.30 -7.11 -10.11
CA SER B 11 -13.01 -6.53 -11.41
C SER B 11 -12.80 -5.02 -11.31
N ARG B 12 -12.05 -4.46 -12.27
CA ARG B 12 -11.80 -3.03 -12.30
C ARG B 12 -13.11 -2.27 -12.52
N HIS B 13 -13.89 -2.72 -13.50
CA HIS B 13 -15.19 -2.12 -13.80
C HIS B 13 -16.29 -3.11 -13.45
N PRO B 14 -17.53 -2.60 -13.29
CA PRO B 14 -18.65 -3.52 -13.06
C PRO B 14 -18.70 -4.59 -14.15
N ALA B 15 -18.93 -5.84 -13.76
CA ALA B 15 -18.88 -6.95 -14.68
C ALA B 15 -20.00 -6.93 -15.71
N GLU B 16 -19.62 -7.05 -16.97
CA GLU B 16 -20.58 -7.15 -18.07
C GLU B 16 -20.19 -8.32 -18.97
N ASN B 17 -21.00 -9.38 -18.97
CA ASN B 17 -20.73 -10.54 -19.81
C ASN B 17 -20.46 -10.13 -21.26
N GLY B 18 -19.32 -10.57 -21.78
CA GLY B 18 -18.96 -10.31 -23.17
C GLY B 18 -18.13 -9.05 -23.38
N LYS B 19 -17.95 -8.27 -22.32
CA LYS B 19 -17.20 -7.02 -22.43
C LYS B 19 -15.87 -7.11 -21.69
N SER B 20 -14.80 -6.70 -22.37
CA SER B 20 -13.46 -6.77 -21.80
C SER B 20 -13.36 -5.99 -20.50
N ASN B 21 -12.51 -6.47 -19.59
CA ASN B 21 -12.42 -5.91 -18.25
C ASN B 21 -11.05 -6.28 -17.67
N PHE B 22 -10.86 -6.03 -16.39
CA PHE B 22 -9.65 -6.46 -15.70
C PHE B 22 -10.01 -7.24 -14.45
N LEU B 23 -9.38 -8.41 -14.28
CA LEU B 23 -9.56 -9.21 -13.09
C LEU B 23 -8.44 -8.88 -12.10
N ASN B 24 -8.82 -8.52 -10.88
CA ASN B 24 -7.86 -8.15 -9.86
C ASN B 24 -7.82 -9.14 -8.71
N CYS B 25 -6.62 -9.46 -8.24
CA CYS B 25 -6.45 -10.13 -6.97
C CYS B 25 -5.59 -9.26 -6.07
N TYR B 26 -6.21 -8.71 -5.04
CA TYR B 26 -5.51 -7.81 -4.12
C TYR B 26 -5.18 -8.56 -2.84
N VAL B 27 -3.88 -8.74 -2.59
CA VAL B 27 -3.43 -9.39 -1.36
C VAL B 27 -2.75 -8.36 -0.47
N SER B 28 -3.06 -8.40 0.82
CA SER B 28 -2.56 -7.38 1.74
C SER B 28 -2.49 -7.89 3.16
N GLY B 29 -1.91 -7.09 4.04
CA GLY B 29 -1.83 -7.41 5.45
C GLY B 29 -0.93 -8.58 5.77
N PHE B 30 -0.06 -8.94 4.84
CA PHE B 30 0.80 -10.10 5.04
C PHE B 30 2.26 -9.77 5.37
N HIS B 31 2.96 -10.73 5.96
CA HIS B 31 4.36 -10.60 6.33
C HIS B 31 4.85 -12.00 6.69
N PRO B 32 5.99 -12.43 6.13
CA PRO B 32 6.91 -11.70 5.25
C PRO B 32 6.37 -11.47 3.84
N SER B 33 7.20 -10.86 2.99
CA SER B 33 6.74 -10.38 1.69
C SER B 33 6.68 -11.46 0.62
N ASP B 34 7.47 -12.52 0.77
CA ASP B 34 7.42 -13.62 -0.19
C ASP B 34 6.02 -14.21 -0.26
N ILE B 35 5.45 -14.23 -1.45
CA ILE B 35 4.10 -14.73 -1.64
C ILE B 35 3.91 -15.21 -3.07
N GLU B 36 3.07 -16.22 -3.24
CA GLU B 36 2.78 -16.75 -4.57
C GLU B 36 1.31 -16.55 -4.89
N VAL B 37 1.05 -15.87 -6.00
CA VAL B 37 -0.32 -15.56 -6.39
C VAL B 37 -0.57 -16.00 -7.83
N ASP B 38 -1.60 -16.80 -8.03
CA ASP B 38 -2.02 -17.19 -9.37
C ASP B 38 -3.45 -16.78 -9.62
N LEU B 39 -3.72 -16.31 -10.83
CA LEU B 39 -5.10 -16.10 -11.27
C LEU B 39 -5.52 -17.32 -12.07
N LEU B 40 -6.73 -17.81 -11.84
CA LEU B 40 -7.20 -19.03 -12.48
C LEU B 40 -8.45 -18.80 -13.32
N LYS B 41 -8.48 -19.45 -14.48
CA LYS B 41 -9.67 -19.48 -15.33
C LYS B 41 -10.13 -20.92 -15.45
N ASN B 42 -11.27 -21.22 -14.84
CA ASN B 42 -11.78 -22.59 -14.82
C ASN B 42 -10.77 -23.58 -14.27
N GLY B 43 -10.09 -23.19 -13.20
CA GLY B 43 -9.15 -24.06 -12.51
C GLY B 43 -7.74 -24.07 -13.06
N GLU B 44 -7.53 -23.44 -14.21
CA GLU B 44 -6.21 -23.43 -14.84
C GLU B 44 -5.53 -22.07 -14.73
N ARG B 45 -4.20 -22.09 -14.55
CA ARG B 45 -3.44 -20.86 -14.39
C ARG B 45 -3.45 -19.99 -15.64
N ILE B 46 -3.70 -18.70 -15.43
CA ILE B 46 -3.63 -17.74 -16.53
C ILE B 46 -2.20 -17.27 -16.71
N GLU B 47 -1.70 -17.38 -17.94
CA GLU B 47 -0.37 -16.89 -18.26
C GLU B 47 -0.42 -15.37 -18.39
N LYS B 48 0.73 -14.72 -18.38
CA LYS B 48 0.79 -13.27 -18.47
C LYS B 48 -0.14 -12.61 -17.45
N VAL B 49 0.25 -12.71 -16.19
CA VAL B 49 -0.40 -11.96 -15.13
C VAL B 49 0.62 -10.97 -14.60
N GLU B 50 0.23 -9.71 -14.48
CA GLU B 50 1.14 -8.69 -14.00
C GLU B 50 0.82 -8.32 -12.56
N HIS B 51 1.79 -7.71 -11.87
CA HIS B 51 1.57 -7.30 -10.49
C HIS B 51 2.24 -5.97 -10.19
N SER B 52 1.79 -5.32 -9.13
CA SER B 52 2.34 -4.04 -8.71
C SER B 52 3.68 -4.22 -8.02
N ASP B 53 4.39 -3.11 -7.83
CA ASP B 53 5.66 -3.13 -7.12
C ASP B 53 5.41 -3.27 -5.63
N LEU B 54 6.27 -4.02 -4.97
CA LEU B 54 6.11 -4.31 -3.55
C LEU B 54 6.10 -3.02 -2.71
N SER B 55 5.04 -2.84 -1.94
CA SER B 55 4.95 -1.73 -1.02
C SER B 55 4.32 -2.22 0.28
N PHE B 56 4.19 -1.34 1.27
CA PHE B 56 3.59 -1.74 2.54
C PHE B 56 2.82 -0.62 3.24
N SER B 57 1.99 -1.00 4.19
CA SER B 57 1.11 -0.08 4.89
C SER B 57 1.76 0.47 6.16
N LYS B 58 1.04 1.35 6.85
CA LYS B 58 1.54 1.96 8.08
C LYS B 58 1.95 0.93 9.13
N ASP B 59 1.28 -0.22 9.12
CA ASP B 59 1.58 -1.28 10.09
C ASP B 59 2.66 -2.23 9.60
N TRP B 60 3.32 -1.86 8.50
CA TRP B 60 4.45 -2.60 7.94
C TRP B 60 4.05 -3.83 7.13
N SER B 61 2.76 -4.16 7.12
CA SER B 61 2.30 -5.31 6.34
C SER B 61 2.31 -4.98 4.84
N PHE B 62 2.61 -5.97 4.01
CA PHE B 62 2.78 -5.76 2.58
C PHE B 62 1.45 -5.85 1.83
N TYR B 63 1.42 -5.25 0.65
CA TYR B 63 0.28 -5.41 -0.25
C TYR B 63 0.73 -5.44 -1.70
N LEU B 64 0.02 -6.23 -2.50
CA LEU B 64 0.30 -6.35 -3.92
C LEU B 64 -1.00 -6.50 -4.70
N LEU B 65 -1.03 -5.96 -5.91
CA LEU B 65 -2.16 -6.16 -6.80
C LEU B 65 -1.72 -7.02 -7.97
N TYR B 66 -2.36 -8.16 -8.16
CA TYR B 66 -2.17 -8.97 -9.35
C TYR B 66 -3.37 -8.76 -10.27
N TYR B 67 -3.11 -8.62 -11.57
CA TYR B 67 -4.19 -8.30 -12.50
C TYR B 67 -3.95 -8.85 -13.89
N THR B 68 -5.04 -9.12 -14.59
CA THR B 68 -4.98 -9.56 -15.97
C THR B 68 -6.24 -9.13 -16.71
N GLU B 69 -6.10 -8.84 -18.00
CA GLU B 69 -7.25 -8.50 -18.82
C GLU B 69 -8.11 -9.74 -19.04
N PHE B 70 -9.42 -9.59 -18.95
CA PHE B 70 -10.33 -10.71 -19.14
C PHE B 70 -11.71 -10.28 -19.61
N THR B 71 -12.42 -11.19 -20.25
CA THR B 71 -13.78 -10.93 -20.70
C THR B 71 -14.74 -11.90 -20.01
N PRO B 72 -15.41 -11.42 -18.95
CA PRO B 72 -16.31 -12.26 -18.15
C PRO B 72 -17.47 -12.83 -18.96
N THR B 73 -17.93 -14.01 -18.58
CA THR B 73 -19.08 -14.64 -19.22
C THR B 73 -19.97 -15.27 -18.15
N GLU B 74 -21.07 -15.88 -18.59
CA GLU B 74 -22.00 -16.52 -17.68
C GLU B 74 -21.40 -17.78 -17.04
N LYS B 75 -20.70 -18.57 -17.86
CA LYS B 75 -20.21 -19.89 -17.43
C LYS B 75 -18.83 -19.86 -16.78
N ASP B 76 -17.91 -19.12 -17.38
CA ASP B 76 -16.51 -19.13 -16.95
C ASP B 76 -16.33 -18.75 -15.48
N GLU B 77 -15.58 -19.58 -14.76
CA GLU B 77 -15.30 -19.35 -13.36
C GLU B 77 -13.89 -18.80 -13.20
N TYR B 78 -13.76 -17.71 -12.43
CA TYR B 78 -12.45 -17.13 -12.16
C TYR B 78 -12.13 -17.19 -10.68
N ALA B 79 -10.84 -17.27 -10.35
CA ALA B 79 -10.42 -17.37 -8.97
C ALA B 79 -8.98 -16.91 -8.79
N CYS B 80 -8.61 -16.66 -7.54
CA CYS B 80 -7.25 -16.31 -7.18
C CYS B 80 -6.71 -17.35 -6.21
N ARG B 81 -5.54 -17.90 -6.50
CA ARG B 81 -4.90 -18.89 -5.64
C ARG B 81 -3.66 -18.30 -4.98
N VAL B 82 -3.65 -18.31 -3.65
CA VAL B 82 -2.58 -17.67 -2.90
C VAL B 82 -1.86 -18.66 -1.99
N ASN B 83 -0.53 -18.63 -2.02
CA ASN B 83 0.27 -19.42 -1.10
C ASN B 83 1.22 -18.53 -0.32
N HIS B 84 1.36 -18.81 0.98
CA HIS B 84 2.17 -18.00 1.87
C HIS B 84 2.66 -18.89 3.00
N VAL B 85 3.78 -18.51 3.62
CA VAL B 85 4.36 -19.32 4.68
C VAL B 85 3.36 -19.58 5.81
N THR B 86 2.40 -18.68 5.98
CA THR B 86 1.40 -18.80 7.03
C THR B 86 0.30 -19.81 6.69
N LEU B 87 0.29 -20.26 5.44
CA LEU B 87 -0.76 -21.16 4.97
C LEU B 87 -0.27 -22.61 4.85
N SER B 88 -0.96 -23.52 5.50
CA SER B 88 -0.62 -24.94 5.43
C SER B 88 -0.94 -25.50 4.04
N GLN B 89 -1.82 -24.80 3.33
CA GLN B 89 -2.19 -25.17 1.97
C GLN B 89 -2.61 -23.92 1.21
N PRO B 90 -2.41 -23.89 -0.12
CA PRO B 90 -2.80 -22.73 -0.92
C PRO B 90 -4.27 -22.40 -0.71
N LYS B 91 -4.58 -21.11 -0.60
CA LYS B 91 -5.96 -20.68 -0.41
C LYS B 91 -6.55 -20.22 -1.74
N ILE B 92 -7.75 -20.69 -2.04
CA ILE B 92 -8.42 -20.33 -3.28
C ILE B 92 -9.65 -19.47 -3.00
N VAL B 93 -9.69 -18.29 -3.61
CA VAL B 93 -10.82 -17.39 -3.47
C VAL B 93 -11.48 -17.17 -4.82
N LYS B 94 -12.74 -17.57 -4.93
CA LYS B 94 -13.47 -17.44 -6.18
C LYS B 94 -13.93 -16.01 -6.41
N TRP B 95 -13.97 -15.61 -7.67
CA TRP B 95 -14.46 -14.28 -8.02
C TRP B 95 -15.98 -14.25 -7.95
N ASP B 96 -16.50 -13.34 -7.14
CA ASP B 96 -17.94 -13.12 -7.03
C ASP B 96 -18.22 -11.69 -7.50
N ARG B 97 -18.89 -11.57 -8.65
CA ARG B 97 -19.08 -10.26 -9.26
C ARG B 97 -19.91 -9.30 -8.40
N ASP B 98 -20.44 -9.81 -7.29
CA ASP B 98 -21.25 -8.99 -6.39
C ASP B 98 -20.45 -8.52 -5.16
N MET B 99 -19.14 -8.76 -5.18
CA MET B 99 -18.31 -8.39 -4.03
C MET B 99 -16.98 -7.76 -4.44
C ACE C 1 17.40 13.76 -4.66
O ACE C 1 17.31 14.70 -3.87
CH3 ACE C 1 18.68 13.39 -5.35
N SER C 2 16.42 12.97 -5.07
CA SER C 2 15.12 13.00 -4.41
C SER C 2 15.15 12.14 -3.14
N HIS C 3 15.78 10.98 -3.24
CA HIS C 3 16.02 10.13 -2.07
C HIS C 3 16.94 10.84 -1.10
N VAL C 4 16.86 10.49 0.18
CA VAL C 4 17.79 11.04 1.14
C VAL C 4 19.19 10.49 0.89
N ALA C 5 20.21 11.33 1.02
CA ALA C 5 21.57 10.93 0.73
C ALA C 5 22.39 10.72 2.00
N VAL C 6 21.71 10.40 3.09
CA VAL C 6 22.37 10.13 4.37
C VAL C 6 22.60 8.63 4.52
N GLU C 7 23.87 8.25 4.62
CA GLU C 7 24.27 6.85 4.63
C GLU C 7 24.73 6.40 6.02
N ASN C 8 23.87 5.68 6.72
CA ASN C 8 24.20 5.16 8.05
C ASN C 8 23.53 3.82 8.33
N ALA C 9 24.33 2.77 8.44
CA ALA C 9 23.80 1.44 8.71
C ALA C 9 23.22 1.36 10.12
N LEU C 10 22.19 0.54 10.30
CA LEU C 10 21.64 0.30 11.63
C LEU C 10 22.66 -0.38 12.52
#